data_8UUS
#
_entry.id   8UUS
#
_cell.length_a   59.113
_cell.length_b   68.241
_cell.length_c   111.290
_cell.angle_alpha   90.000
_cell.angle_beta   90.000
_cell.angle_gamma   90.000
#
_symmetry.space_group_name_H-M   'P 2 21 21'
#
loop_
_entity.id
_entity.type
_entity.pdbx_description
1 polymer 'Antifeeding Prophage (Tailocin) fibre'
2 non-polymer 'AMMONIUM ION'
3 non-polymer GLYCEROL
4 non-polymer 'CITRIC ACID'
5 water water
#
_entity_poly.entity_id   1
_entity_poly.type   'polypeptide(L)'
_entity_poly.pdbx_seq_one_letter_code
;GAKVEASKGLQVTASGVSVQAGDGISVAGTGVAVKVEASKGLQVTSNGVGLNNTAWIKMMCGLHNATFYVSDTYVCVFFC
NHSTGCTAYVYGRGGYYLSMYKGDVKLNSVDHNEIISMVGSGSIAAATMVSWKSTKAAAGISFKYLGKNLITSTSHSGSV
TLVAAP
;
_entity_poly.pdbx_strand_id   A,B,C
#
loop_
_chem_comp.id
_chem_comp.type
_chem_comp.name
_chem_comp.formula
CIT non-polymer 'CITRIC ACID' 'C6 H8 O7'
GOL non-polymer GLYCEROL 'C3 H8 O3'
NH4 non-polymer 'AMMONIUM ION' 'H4 N 1'
#
# COMPACT_ATOMS: atom_id res chain seq x y z
N LYS A 3 -35.01 32.51 -23.43
CA LYS A 3 -34.64 32.72 -22.03
C LYS A 3 -33.43 31.87 -21.63
N VAL A 4 -33.35 30.63 -22.12
CA VAL A 4 -32.20 29.79 -21.81
C VAL A 4 -32.07 28.72 -22.89
N GLU A 5 -30.81 28.40 -23.25
CA GLU A 5 -30.48 27.28 -24.14
C GLU A 5 -29.29 26.58 -23.48
N ALA A 6 -29.59 25.59 -22.64
CA ALA A 6 -28.59 24.91 -21.82
C ALA A 6 -28.28 23.54 -22.39
N SER A 7 -27.02 23.12 -22.22
CA SER A 7 -26.55 21.87 -22.80
C SER A 7 -25.81 21.03 -21.74
N LYS A 8 -24.83 20.25 -22.17
CA LYS A 8 -24.22 19.24 -21.30
C LYS A 8 -23.62 19.85 -20.03
N GLY A 9 -23.85 19.19 -18.90
CA GLY A 9 -23.33 19.63 -17.62
C GLY A 9 -24.27 20.52 -16.84
N LEU A 10 -25.27 21.09 -17.49
CA LEU A 10 -26.23 21.99 -16.89
C LEU A 10 -27.61 21.34 -16.89
N GLN A 11 -28.46 21.80 -15.98
CA GLN A 11 -29.86 21.41 -15.94
C GLN A 11 -30.67 22.64 -15.58
N VAL A 12 -31.95 22.62 -15.94
CA VAL A 12 -32.85 23.75 -15.69
C VAL A 12 -34.07 23.24 -14.94
N THR A 13 -34.34 23.86 -13.79
CA THR A 13 -35.51 23.55 -12.99
C THR A 13 -36.24 24.85 -12.67
N ALA A 14 -37.24 24.79 -11.79
CA ALA A 14 -37.92 26.01 -11.41
C ALA A 14 -37.00 26.99 -10.69
N SER A 15 -35.90 26.49 -10.13
CA SER A 15 -34.90 27.31 -9.43
C SER A 15 -33.91 27.96 -10.38
N GLY A 16 -33.97 27.64 -11.66
CA GLY A 16 -33.08 28.20 -12.63
C GLY A 16 -32.13 27.18 -13.21
N VAL A 17 -31.01 27.67 -13.73
CA VAL A 17 -29.99 26.80 -14.31
C VAL A 17 -28.94 26.48 -13.24
N SER A 18 -28.66 25.20 -13.07
CA SER A 18 -27.67 24.73 -12.11
C SER A 18 -26.76 23.71 -12.79
N VAL A 19 -25.63 23.45 -12.15
CA VAL A 19 -24.75 22.37 -12.59
C VAL A 19 -25.35 21.04 -12.18
N GLN A 20 -25.42 20.11 -13.15
CA GLN A 20 -25.92 18.77 -12.91
C GLN A 20 -24.78 17.91 -12.39
N ALA A 21 -24.96 17.31 -11.22
CA ALA A 21 -23.92 16.48 -10.61
C ALA A 21 -23.96 15.07 -11.18
N GLY A 22 -22.83 14.63 -11.75
CA GLY A 22 -22.61 13.25 -12.11
C GLY A 22 -21.74 12.53 -11.08
N ASP A 23 -21.26 11.33 -11.49
CA ASP A 23 -20.47 10.49 -10.60
C ASP A 23 -19.25 11.26 -10.08
N GLY A 24 -19.05 11.24 -8.77
CA GLY A 24 -17.90 11.86 -8.15
C GLY A 24 -17.98 13.37 -7.95
N ILE A 25 -19.15 13.97 -8.17
CA ILE A 25 -19.32 15.42 -8.09
C ILE A 25 -20.51 15.73 -7.19
N SER A 26 -20.37 16.76 -6.36
CA SER A 26 -21.47 17.34 -5.61
C SER A 26 -21.65 18.79 -6.04
N VAL A 27 -22.90 19.26 -6.03
CA VAL A 27 -23.25 20.61 -6.45
C VAL A 27 -24.07 21.27 -5.35
N ALA A 28 -23.62 22.44 -4.90
CA ALA A 28 -24.29 23.16 -3.81
C ALA A 28 -24.16 24.66 -4.06
N GLY A 29 -24.78 25.45 -3.19
CA GLY A 29 -24.58 26.89 -3.26
C GLY A 29 -23.13 27.30 -3.14
N THR A 30 -22.31 26.47 -2.49
CA THR A 30 -20.87 26.73 -2.36
C THR A 30 -20.09 26.33 -3.61
N GLY A 31 -20.74 25.75 -4.62
CA GLY A 31 -20.07 25.49 -5.88
C GLY A 31 -20.07 24.02 -6.22
N VAL A 32 -19.19 23.68 -7.17
CA VAL A 32 -19.01 22.32 -7.65
C VAL A 32 -17.83 21.74 -6.88
N ALA A 33 -18.05 20.58 -6.26
CA ALA A 33 -17.01 19.95 -5.45
C ALA A 33 -16.85 18.49 -5.84
N VAL A 34 -15.69 17.92 -5.52
CA VAL A 34 -15.49 16.48 -5.67
C VAL A 34 -16.20 15.77 -4.52
N LYS A 35 -16.93 14.70 -4.85
CA LYS A 35 -17.56 13.82 -3.87
C LYS A 35 -16.70 12.54 -3.80
N VAL A 36 -16.06 12.34 -2.66
CA VAL A 36 -15.31 11.11 -2.44
C VAL A 36 -16.21 10.08 -1.80
N GLU A 37 -15.98 8.81 -2.11
CA GLU A 37 -16.55 7.75 -1.30
C GLU A 37 -15.72 7.62 -0.03
N ALA A 38 -16.29 8.08 1.09
CA ALA A 38 -15.52 8.32 2.30
C ALA A 38 -14.86 7.06 2.83
N SER A 39 -15.42 5.88 2.56
CA SER A 39 -14.89 4.62 3.06
C SER A 39 -13.78 4.03 2.19
N LYS A 40 -13.48 4.63 1.04
CA LYS A 40 -12.54 4.06 0.08
C LYS A 40 -11.22 4.81 0.02
N GLY A 41 -10.87 5.50 1.10
CA GLY A 41 -9.51 5.95 1.32
C GLY A 41 -9.19 7.34 0.84
N LEU A 42 -10.14 8.07 0.26
CA LEU A 42 -9.85 9.42 -0.23
C LEU A 42 -10.59 10.45 0.62
N GLN A 43 -10.02 11.65 0.64
CA GLN A 43 -10.60 12.79 1.34
C GLN A 43 -10.58 13.96 0.36
N VAL A 44 -11.38 14.98 0.66
CA VAL A 44 -11.33 16.22 -0.09
C VAL A 44 -11.40 17.37 0.90
N THR A 45 -10.43 18.27 0.81
CA THR A 45 -10.39 19.44 1.67
C THR A 45 -10.27 20.68 0.78
N SER A 46 -10.15 21.85 1.40
CA SER A 46 -9.92 23.06 0.63
C SER A 46 -8.61 23.01 -0.15
N ASN A 47 -7.68 22.13 0.23
CA ASN A 47 -6.44 21.94 -0.50
C ASN A 47 -6.56 20.96 -1.66
N GLY A 48 -7.66 20.23 -1.76
CA GLY A 48 -7.90 19.35 -2.89
C GLY A 48 -8.15 17.92 -2.45
N VAL A 49 -8.16 17.02 -3.45
CA VAL A 49 -8.42 15.60 -3.23
C VAL A 49 -7.12 14.91 -2.88
N GLY A 50 -7.19 13.93 -1.98
CA GLY A 50 -5.99 13.21 -1.58
C GLY A 50 -6.34 11.93 -0.87
N LEU A 51 -5.31 11.15 -0.56
CA LEU A 51 -5.49 9.99 0.31
C LEU A 51 -5.68 10.43 1.75
N ASN A 52 -6.55 9.72 2.47
CA ASN A 52 -6.70 9.96 3.90
C ASN A 52 -5.70 9.09 4.68
N ASN A 53 -5.70 9.23 6.00
CA ASN A 53 -4.66 8.61 6.81
C ASN A 53 -4.94 7.15 7.16
N THR A 54 -6.06 6.60 6.72
CA THR A 54 -6.35 5.17 6.88
C THR A 54 -6.38 4.42 5.55
N ALA A 55 -6.04 5.09 4.44
CA ALA A 55 -6.06 4.41 3.14
C ALA A 55 -5.13 3.21 3.14
N TRP A 56 -4.03 3.30 3.89
CA TRP A 56 -3.09 2.19 3.96
C TRP A 56 -3.75 0.90 4.47
N ILE A 57 -4.75 1.01 5.34
CA ILE A 57 -5.43 -0.18 5.85
C ILE A 57 -6.16 -0.89 4.71
N LYS A 58 -6.86 -0.11 3.86
CA LYS A 58 -7.50 -0.70 2.69
C LYS A 58 -6.48 -1.39 1.80
N MET A 59 -5.31 -0.76 1.61
CA MET A 59 -4.28 -1.36 0.76
C MET A 59 -3.82 -2.69 1.33
N MET A 60 -3.65 -2.75 2.66
CA MET A 60 -3.07 -3.95 3.24
C MET A 60 -4.09 -5.09 3.27
N CYS A 61 -5.37 -4.78 3.50
CA CYS A 61 -6.41 -5.79 3.39
C CYS A 61 -6.46 -6.35 1.97
N GLY A 62 -6.29 -5.48 0.98
CA GLY A 62 -6.23 -5.95 -0.39
C GLY A 62 -5.02 -6.82 -0.66
N LEU A 63 -3.84 -6.38 -0.18
CA LEU A 63 -2.61 -7.15 -0.39
C LEU A 63 -2.77 -8.61 0.05
N HIS A 64 -3.35 -8.84 1.23
CA HIS A 64 -3.49 -10.19 1.76
C HIS A 64 -4.86 -10.82 1.50
N ASN A 65 -5.76 -10.12 0.83
CA ASN A 65 -7.14 -10.57 0.67
C ASN A 65 -7.78 -10.88 2.02
N ALA A 66 -7.58 -9.96 2.97
CA ALA A 66 -8.08 -10.11 4.32
C ALA A 66 -9.45 -9.46 4.43
N THR A 67 -10.30 -10.06 5.29
CA THR A 67 -11.65 -9.54 5.51
C THR A 67 -11.82 -8.88 6.87
N PHE A 68 -10.85 -9.00 7.77
CA PHE A 68 -10.86 -8.29 9.04
C PHE A 68 -9.44 -7.88 9.38
N TYR A 69 -9.33 -6.88 10.26
CA TYR A 69 -8.02 -6.42 10.69
C TYR A 69 -8.10 -5.88 12.10
N VAL A 70 -6.93 -5.71 12.72
CA VAL A 70 -6.77 -4.84 13.88
C VAL A 70 -5.62 -3.88 13.62
N SER A 71 -5.68 -2.72 14.29
CA SER A 71 -4.57 -1.79 14.26
C SER A 71 -4.56 -0.98 15.55
N ASP A 72 -3.38 -0.88 16.15
CA ASP A 72 -3.13 0.05 17.23
C ASP A 72 -1.75 0.66 16.99
N THR A 73 -1.23 1.41 17.95
CA THR A 73 0.07 2.05 17.73
C THR A 73 1.25 1.09 17.84
N TYR A 74 1.03 -0.19 18.13
CA TYR A 74 2.09 -1.18 18.28
C TYR A 74 2.07 -2.26 17.21
N VAL A 75 0.92 -2.54 16.60
CA VAL A 75 0.84 -3.67 15.68
C VAL A 75 -0.39 -3.48 14.79
N CYS A 76 -0.36 -4.09 13.61
CA CYS A 76 -1.57 -4.32 12.83
C CYS A 76 -1.54 -5.73 12.27
N VAL A 77 -2.73 -6.30 12.09
CA VAL A 77 -2.87 -7.71 11.75
C VAL A 77 -4.02 -7.82 10.77
N PHE A 78 -3.83 -8.63 9.72
CA PHE A 78 -4.79 -8.77 8.63
C PHE A 78 -5.22 -10.22 8.55
N PHE A 79 -6.51 -10.48 8.81
CA PHE A 79 -7.02 -11.83 9.05
C PHE A 79 -7.71 -12.38 7.81
N CYS A 80 -7.41 -13.64 7.50
CA CYS A 80 -8.05 -14.39 6.42
C CYS A 80 -8.68 -15.64 6.99
N ASN A 81 -9.98 -15.80 6.79
CA ASN A 81 -10.67 -17.02 7.17
C ASN A 81 -10.52 -18.06 6.07
N HIS A 82 -10.14 -19.28 6.46
CA HIS A 82 -9.98 -20.36 5.50
C HIS A 82 -10.04 -21.67 6.27
N SER A 83 -10.39 -22.73 5.55
CA SER A 83 -10.56 -24.05 6.17
C SER A 83 -11.45 -23.87 7.40
N THR A 84 -11.09 -24.43 8.56
CA THR A 84 -11.91 -24.37 9.76
C THR A 84 -11.55 -23.20 10.66
N GLY A 85 -10.59 -22.36 10.27
CA GLY A 85 -10.06 -21.34 11.16
C GLY A 85 -9.66 -20.08 10.43
N CYS A 86 -8.50 -19.54 10.82
CA CYS A 86 -8.09 -18.21 10.42
C CYS A 86 -6.57 -18.17 10.43
N THR A 87 -5.99 -17.46 9.46
CA THR A 87 -4.56 -17.14 9.47
C THR A 87 -4.41 -15.65 9.19
N ALA A 88 -3.49 -15.01 9.91
CA ALA A 88 -3.31 -13.57 9.85
C ALA A 88 -1.87 -13.21 9.55
N TYR A 89 -1.71 -12.08 8.86
CA TYR A 89 -0.41 -11.49 8.51
C TYR A 89 -0.18 -10.29 9.40
N VAL A 90 1.02 -10.20 9.97
CA VAL A 90 1.32 -9.29 11.08
C VAL A 90 2.40 -8.29 10.67
N TYR A 91 2.17 -7.02 11.00
CA TYR A 91 3.15 -5.95 10.80
C TYR A 91 3.32 -5.15 12.09
N GLY A 92 4.56 -4.91 12.49
CA GLY A 92 4.80 -4.06 13.65
C GLY A 92 4.58 -2.60 13.33
N ARG A 93 4.24 -1.83 14.37
CA ARG A 93 4.10 -0.38 14.27
C ARG A 93 4.84 0.30 15.41
N GLY A 94 5.31 1.52 15.14
CA GLY A 94 5.91 2.33 16.19
C GLY A 94 7.22 1.81 16.71
N GLY A 95 7.88 0.90 16.00
CA GLY A 95 9.09 0.26 16.47
C GLY A 95 8.86 -1.08 17.14
N TYR A 96 7.61 -1.45 17.40
CA TYR A 96 7.31 -2.70 18.07
C TYR A 96 7.16 -3.83 17.09
N TYR A 97 7.14 -5.05 17.64
CA TYR A 97 6.91 -6.26 16.89
C TYR A 97 6.06 -7.17 17.78
N LEU A 98 5.47 -8.18 17.17
CA LEU A 98 4.60 -9.12 17.86
C LEU A 98 5.41 -10.28 18.39
N SER A 99 5.33 -10.50 19.70
CA SER A 99 6.00 -11.63 20.31
C SER A 99 5.41 -12.94 19.81
N MET A 100 6.26 -13.96 19.77
CA MET A 100 5.91 -15.25 19.23
C MET A 100 5.81 -16.35 20.28
N TYR A 101 5.76 -16.00 21.56
CA TYR A 101 5.64 -17.04 22.59
C TYR A 101 4.29 -17.76 22.46
N LYS A 102 4.23 -18.94 23.08
CA LYS A 102 3.07 -19.82 22.90
C LYS A 102 1.79 -19.18 23.41
N GLY A 103 1.84 -18.51 24.56
CA GLY A 103 0.64 -17.91 25.10
C GLY A 103 0.45 -16.44 24.80
N ASP A 104 1.17 -15.90 23.82
CA ASP A 104 1.21 -14.47 23.61
C ASP A 104 0.31 -13.95 22.50
N VAL A 105 -0.48 -14.81 21.82
CA VAL A 105 -1.32 -14.32 20.71
C VAL A 105 -2.65 -15.08 20.73
N LYS A 106 -3.72 -14.41 21.17
CA LYS A 106 -5.04 -15.04 21.30
C LYS A 106 -6.07 -14.35 20.42
N LEU A 107 -6.97 -15.14 19.85
CA LEU A 107 -8.12 -14.64 19.10
C LEU A 107 -9.39 -15.19 19.76
N ASN A 108 -10.28 -14.28 20.17
CA ASN A 108 -11.47 -14.71 20.93
C ASN A 108 -11.08 -15.55 22.15
N SER A 109 -9.96 -15.19 22.78
CA SER A 109 -9.39 -15.84 23.97
C SER A 109 -8.72 -17.17 23.69
N VAL A 110 -8.61 -17.59 22.43
CA VAL A 110 -8.04 -18.89 22.08
C VAL A 110 -6.60 -18.70 21.63
N ASP A 111 -5.69 -19.49 22.20
CA ASP A 111 -4.29 -19.46 21.82
C ASP A 111 -4.10 -19.94 20.38
N HIS A 112 -3.15 -19.33 19.69
CA HIS A 112 -2.84 -19.72 18.31
C HIS A 112 -2.26 -21.13 18.26
N ASN A 113 -2.25 -21.71 17.07
CA ASN A 113 -1.65 -23.02 16.81
C ASN A 113 -0.29 -22.94 16.16
N GLU A 114 -0.08 -22.01 15.24
CA GLU A 114 1.16 -21.92 14.49
C GLU A 114 1.53 -20.46 14.31
N ILE A 115 2.84 -20.21 14.29
CA ILE A 115 3.41 -18.90 13.98
C ILE A 115 4.57 -19.07 13.01
N ILE A 116 4.68 -18.13 12.07
CA ILE A 116 5.87 -17.97 11.23
C ILE A 116 6.50 -16.63 11.59
N SER A 117 7.83 -16.56 11.62
CA SER A 117 8.51 -15.43 12.23
C SER A 117 9.75 -15.00 11.45
N MET A 118 10.21 -13.79 11.77
CA MET A 118 11.53 -13.32 11.39
C MET A 118 12.44 -13.49 12.61
N VAL A 119 13.74 -13.60 12.34
CA VAL A 119 14.74 -14.11 13.29
C VAL A 119 15.64 -12.96 13.74
N GLY A 120 15.79 -12.82 15.06
CA GLY A 120 16.62 -11.77 15.63
C GLY A 120 17.78 -12.26 16.48
N ILE A 124 15.31 -13.44 20.27
CA ILE A 124 14.43 -12.48 19.60
C ILE A 124 13.85 -13.07 18.33
N ALA A 125 12.52 -12.99 18.20
CA ALA A 125 11.80 -13.38 17.00
C ALA A 125 10.52 -12.57 16.91
N ALA A 126 10.16 -12.16 15.70
CA ALA A 126 8.99 -11.33 15.46
C ALA A 126 7.99 -12.11 14.60
N ALA A 127 6.77 -12.26 15.09
CA ALA A 127 5.77 -13.02 14.33
C ALA A 127 5.34 -12.25 13.10
N THR A 128 5.27 -12.95 11.96
CA THR A 128 4.75 -12.38 10.72
C THR A 128 3.48 -13.05 10.23
N MET A 129 3.22 -14.29 10.65
CA MET A 129 2.00 -14.98 10.29
C MET A 129 1.58 -15.74 11.55
N VAL A 130 0.28 -15.72 11.85
CA VAL A 130 -0.26 -16.41 13.03
C VAL A 130 -1.56 -17.11 12.63
N SER A 131 -1.75 -18.34 13.13
CA SER A 131 -2.86 -19.17 12.67
C SER A 131 -3.60 -19.84 13.82
N TRP A 132 -4.92 -19.97 13.67
CA TRP A 132 -5.81 -20.66 14.62
C TRP A 132 -6.57 -21.72 13.85
N LYS A 133 -6.42 -22.99 14.26
CA LYS A 133 -7.06 -24.11 13.56
C LYS A 133 -8.59 -23.96 13.49
N SER A 134 -9.22 -23.49 14.56
CA SER A 134 -10.68 -23.63 14.65
C SER A 134 -11.35 -22.40 15.19
N THR A 135 -10.72 -21.23 15.05
CA THR A 135 -11.30 -19.96 15.47
C THR A 135 -11.37 -19.04 14.26
N LYS A 136 -12.52 -18.40 14.06
CA LYS A 136 -12.75 -17.53 12.91
C LYS A 136 -12.61 -16.07 13.29
N ALA A 137 -12.11 -15.29 12.35
CA ALA A 137 -12.12 -13.83 12.49
C ALA A 137 -13.53 -13.31 12.24
N ALA A 138 -13.95 -12.33 13.04
CA ALA A 138 -15.24 -11.69 12.89
C ALA A 138 -15.18 -10.34 13.60
N ALA A 139 -16.05 -9.43 13.20
CA ALA A 139 -16.00 -8.09 13.77
C ALA A 139 -16.34 -8.13 15.26
N GLY A 140 -15.61 -7.35 16.03
CA GLY A 140 -15.95 -7.18 17.42
C GLY A 140 -15.29 -8.16 18.38
N ILE A 141 -14.66 -9.21 17.87
CA ILE A 141 -13.99 -10.14 18.78
C ILE A 141 -12.60 -9.63 19.12
N SER A 142 -12.01 -10.20 20.15
CA SER A 142 -10.81 -9.69 20.77
C SER A 142 -9.55 -10.35 20.22
N PHE A 143 -8.51 -9.55 20.06
CA PHE A 143 -7.16 -10.00 19.71
C PHE A 143 -6.27 -9.56 20.86
N LYS A 144 -5.72 -10.52 21.60
CA LYS A 144 -4.88 -10.23 22.76
C LYS A 144 -3.45 -10.66 22.44
N TYR A 145 -2.50 -9.76 22.66
CA TYR A 145 -1.15 -10.00 22.18
C TYR A 145 -0.14 -9.35 23.12
N LEU A 146 1.12 -9.75 22.94
CA LEU A 146 2.21 -9.09 23.64
C LEU A 146 3.15 -8.50 22.61
N GLY A 147 3.36 -7.18 22.70
CA GLY A 147 4.27 -6.48 21.81
C GLY A 147 5.57 -6.15 22.53
N LYS A 148 6.68 -6.25 21.79
CA LYS A 148 8.01 -6.02 22.31
C LYS A 148 8.73 -5.06 21.38
N ASN A 149 9.89 -4.55 21.85
CA ASN A 149 10.72 -3.69 21.00
C ASN A 149 12.19 -4.01 21.25
N LEU A 150 13.04 -3.46 20.40
CA LEU A 150 14.46 -3.78 20.43
C LEU A 150 15.29 -2.81 21.27
N ILE A 151 14.70 -1.74 21.78
CA ILE A 151 15.44 -0.75 22.59
C ILE A 151 15.32 -1.04 24.07
N THR A 152 14.10 -1.21 24.57
CA THR A 152 13.83 -1.45 25.97
C THR A 152 13.15 -2.80 26.14
N SER A 153 13.00 -3.21 27.39
CA SER A 153 12.32 -4.46 27.71
C SER A 153 10.82 -4.27 27.96
N THR A 154 10.24 -3.15 27.52
CA THR A 154 8.80 -2.95 27.65
C THR A 154 8.03 -4.16 27.12
N SER A 155 7.06 -4.64 27.91
CA SER A 155 6.16 -5.69 27.46
C SER A 155 4.77 -5.05 27.33
N HIS A 156 4.33 -4.83 26.09
CA HIS A 156 3.02 -4.22 25.87
C HIS A 156 1.98 -5.33 25.74
N SER A 157 1.23 -5.58 26.80
CA SER A 157 0.10 -6.51 26.75
C SER A 157 -1.14 -5.76 26.29
N GLY A 158 -1.54 -6.01 25.06
CA GLY A 158 -2.67 -5.31 24.45
C GLY A 158 -3.84 -6.24 24.19
N SER A 159 -5.03 -5.65 24.20
CA SER A 159 -6.25 -6.29 23.71
C SER A 159 -6.91 -5.31 22.77
N VAL A 160 -7.14 -5.73 21.52
CA VAL A 160 -7.74 -4.88 20.51
C VAL A 160 -8.83 -5.67 19.78
N THR A 161 -9.77 -4.94 19.20
CA THR A 161 -10.97 -5.55 18.64
C THR A 161 -10.91 -5.58 17.12
N LEU A 162 -11.35 -6.69 16.54
CA LEU A 162 -11.33 -6.83 15.09
C LEU A 162 -12.33 -5.91 14.41
N VAL A 163 -11.92 -5.38 13.25
CA VAL A 163 -12.71 -4.49 12.42
C VAL A 163 -12.90 -5.13 11.05
N ALA A 164 -14.10 -5.01 10.48
CA ALA A 164 -14.32 -5.45 9.12
C ALA A 164 -13.43 -4.68 8.15
N ALA A 165 -12.86 -5.39 7.17
CA ALA A 165 -12.03 -4.74 6.17
C ALA A 165 -12.85 -3.68 5.42
N PRO A 166 -12.24 -2.54 5.05
CA PRO A 166 -12.97 -1.46 4.37
C PRO A 166 -13.54 -1.88 3.03
N GLU B 5 -23.60 37.02 -19.87
CA GLU B 5 -22.95 36.00 -20.69
C GLU B 5 -22.24 34.95 -19.82
N ALA B 6 -21.56 34.01 -20.48
CA ALA B 6 -20.81 32.98 -19.80
C ALA B 6 -19.35 33.38 -19.64
N SER B 7 -18.74 32.97 -18.53
CA SER B 7 -17.28 33.02 -18.40
C SER B 7 -16.72 31.72 -17.82
N LYS B 8 -15.84 31.81 -16.81
CA LYS B 8 -14.94 30.71 -16.46
C LYS B 8 -15.68 29.42 -16.12
N GLY B 9 -15.26 28.32 -16.75
CA GLY B 9 -15.86 27.01 -16.55
C GLY B 9 -17.01 26.70 -17.46
N LEU B 10 -17.57 27.71 -18.12
CA LEU B 10 -18.67 27.54 -19.06
C LEU B 10 -18.17 27.89 -20.46
N GLN B 11 -18.89 27.40 -21.46
CA GLN B 11 -18.58 27.69 -22.84
C GLN B 11 -19.88 27.76 -23.61
N VAL B 12 -19.84 28.46 -24.74
CA VAL B 12 -20.99 28.62 -25.63
C VAL B 12 -20.61 28.07 -26.99
N THR B 13 -21.42 27.14 -27.50
CA THR B 13 -21.22 26.59 -28.83
C THR B 13 -22.54 26.59 -29.57
N ALA B 14 -22.59 25.87 -30.69
CA ALA B 14 -23.83 25.75 -31.43
C ALA B 14 -24.94 25.16 -30.57
N SER B 15 -24.57 24.37 -29.55
CA SER B 15 -25.53 23.67 -28.71
C SER B 15 -26.04 24.50 -27.53
N GLY B 16 -25.59 25.74 -27.37
CA GLY B 16 -25.96 26.53 -26.22
C GLY B 16 -24.84 26.63 -25.20
N VAL B 17 -25.22 26.89 -23.95
CA VAL B 17 -24.23 27.02 -22.88
C VAL B 17 -24.00 25.66 -22.23
N SER B 18 -22.73 25.29 -22.07
CA SER B 18 -22.38 24.02 -21.44
C SER B 18 -21.23 24.23 -20.47
N VAL B 19 -21.00 23.22 -19.62
CA VAL B 19 -19.81 23.19 -18.77
C VAL B 19 -18.64 22.68 -19.59
N GLN B 20 -17.50 23.36 -19.50
CA GLN B 20 -16.30 22.99 -20.24
C GLN B 20 -15.44 22.07 -19.38
N ALA B 21 -15.18 20.87 -19.87
CA ALA B 21 -14.41 19.89 -19.09
C ALA B 21 -12.92 20.20 -19.17
N GLY B 22 -12.28 20.30 -18.00
CA GLY B 22 -10.85 20.33 -17.89
C GLY B 22 -10.30 19.01 -17.35
N ASP B 23 -9.03 19.06 -16.95
CA ASP B 23 -8.35 17.84 -16.54
C ASP B 23 -9.05 17.20 -15.34
N GLY B 24 -9.25 15.89 -15.42
CA GLY B 24 -9.90 15.15 -14.36
C GLY B 24 -11.40 15.17 -14.39
N ILE B 25 -12.01 15.83 -15.39
CA ILE B 25 -13.45 16.07 -15.41
C ILE B 25 -14.01 15.58 -16.75
N SER B 26 -15.18 14.93 -16.69
CA SER B 26 -15.97 14.60 -17.86
C SER B 26 -17.28 15.37 -17.80
N VAL B 27 -17.78 15.83 -18.95
CA VAL B 27 -19.05 16.52 -19.03
C VAL B 27 -19.94 15.84 -20.07
N ALA B 28 -21.14 15.45 -19.66
CA ALA B 28 -22.07 14.73 -20.54
C ALA B 28 -23.50 15.04 -20.12
N GLY B 29 -24.47 14.44 -20.82
CA GLY B 29 -25.85 14.60 -20.40
C GLY B 29 -26.15 13.96 -19.06
N THR B 30 -25.26 13.09 -18.59
CA THR B 30 -25.36 12.52 -17.26
C THR B 30 -24.75 13.41 -16.19
N GLY B 31 -24.25 14.60 -16.55
CA GLY B 31 -23.77 15.58 -15.59
C GLY B 31 -22.27 15.78 -15.68
N VAL B 32 -21.77 16.63 -14.78
CA VAL B 32 -20.34 16.81 -14.57
C VAL B 32 -19.85 15.68 -13.68
N ALA B 33 -18.83 14.96 -14.12
CA ALA B 33 -18.33 13.79 -13.40
C ALA B 33 -16.81 13.84 -13.30
N VAL B 34 -16.27 13.18 -12.27
CA VAL B 34 -14.82 12.96 -12.20
C VAL B 34 -14.42 11.85 -13.17
N LYS B 35 -13.35 12.09 -13.92
CA LYS B 35 -12.77 11.11 -14.83
C LYS B 35 -11.52 10.54 -14.18
N VAL B 36 -11.49 9.21 -13.98
CA VAL B 36 -10.33 8.53 -13.43
C VAL B 36 -9.56 7.87 -14.58
N GLU B 37 -8.22 7.94 -14.49
CA GLU B 37 -7.37 7.32 -15.51
C GLU B 37 -7.28 5.83 -15.25
N ALA B 38 -7.47 5.04 -16.30
CA ALA B 38 -7.36 3.59 -16.16
C ALA B 38 -5.95 3.22 -15.71
N SER B 39 -5.86 2.19 -14.87
CA SER B 39 -4.62 1.60 -14.37
C SER B 39 -3.96 2.44 -13.29
N LYS B 40 -4.54 3.57 -12.87
CA LYS B 40 -3.94 4.39 -11.83
C LYS B 40 -4.61 4.23 -10.46
N GLY B 41 -5.44 3.20 -10.28
CA GLY B 41 -5.87 2.80 -8.96
C GLY B 41 -7.15 3.42 -8.44
N LEU B 42 -7.81 4.29 -9.18
CA LEU B 42 -9.06 4.89 -8.70
C LEU B 42 -10.27 4.36 -9.45
N GLN B 43 -11.43 4.53 -8.82
CA GLN B 43 -12.71 4.24 -9.42
C GLN B 43 -13.66 5.39 -9.08
N VAL B 44 -14.76 5.46 -9.82
CA VAL B 44 -15.82 6.42 -9.52
C VAL B 44 -17.16 5.76 -9.75
N THR B 45 -18.04 5.85 -8.75
CA THR B 45 -19.40 5.36 -8.88
C THR B 45 -20.36 6.45 -8.43
N SER B 46 -21.65 6.13 -8.33
CA SER B 46 -22.59 7.12 -7.78
C SER B 46 -22.30 7.48 -6.33
N ASN B 47 -21.52 6.65 -5.61
CA ASN B 47 -21.09 6.94 -4.25
C ASN B 47 -19.91 7.91 -4.20
N GLY B 48 -19.20 8.11 -5.31
CA GLY B 48 -18.09 9.04 -5.35
C GLY B 48 -16.81 8.39 -5.86
N VAL B 49 -15.72 9.16 -5.78
CA VAL B 49 -14.38 8.70 -6.17
C VAL B 49 -13.73 7.97 -5.00
N GLY B 50 -13.07 6.86 -5.30
CA GLY B 50 -12.33 6.11 -4.28
C GLY B 50 -11.23 5.26 -4.88
N LEU B 51 -10.45 4.64 -3.99
CA LEU B 51 -9.52 3.62 -4.42
C LEU B 51 -10.30 2.41 -4.91
N ASN B 52 -9.81 1.80 -5.99
CA ASN B 52 -10.39 0.55 -6.44
C ASN B 52 -9.76 -0.62 -5.67
N ASN B 53 -10.21 -1.85 -5.95
CA ASN B 53 -9.79 -2.99 -5.17
C ASN B 53 -8.43 -3.56 -5.59
N THR B 54 -7.78 -3.00 -6.61
CA THR B 54 -6.43 -3.44 -6.97
C THR B 54 -5.41 -2.31 -6.90
N ALA B 55 -5.76 -1.17 -6.31
CA ALA B 55 -4.78 -0.10 -6.12
C ALA B 55 -3.54 -0.60 -5.39
N TRP B 56 -3.71 -1.57 -4.49
CA TRP B 56 -2.60 -2.11 -3.73
C TRP B 56 -1.53 -2.72 -4.63
N ILE B 57 -1.89 -3.23 -5.80
CA ILE B 57 -0.90 -3.78 -6.71
C ILE B 57 0.06 -2.69 -7.19
N LYS B 58 -0.49 -1.53 -7.57
CA LYS B 58 0.36 -0.41 -7.98
C LYS B 58 1.25 0.05 -6.83
N MET B 59 0.73 0.05 -5.62
CA MET B 59 1.52 0.44 -4.45
C MET B 59 2.69 -0.52 -4.24
N MET B 60 2.44 -1.83 -4.29
CA MET B 60 3.51 -2.80 -4.05
C MET B 60 4.53 -2.81 -5.18
N CYS B 61 4.09 -2.58 -6.41
CA CYS B 61 5.07 -2.43 -7.49
C CYS B 61 5.96 -1.23 -7.26
N GLY B 62 5.37 -0.13 -6.80
CA GLY B 62 6.17 1.04 -6.43
C GLY B 62 7.12 0.77 -5.28
N LEU B 63 6.62 0.11 -4.23
CA LEU B 63 7.45 -0.21 -3.07
C LEU B 63 8.74 -0.91 -3.47
N HIS B 64 8.63 -1.94 -4.31
CA HIS B 64 9.79 -2.76 -4.67
C HIS B 64 10.45 -2.35 -5.98
N ASN B 65 9.93 -1.31 -6.63
CA ASN B 65 10.35 -0.93 -7.99
C ASN B 65 10.31 -2.13 -8.91
N ALA B 66 9.19 -2.85 -8.86
CA ALA B 66 8.98 -4.05 -9.66
C ALA B 66 8.38 -3.66 -11.00
N THR B 67 8.77 -4.38 -12.05
CA THR B 67 8.26 -4.11 -13.40
C THR B 67 7.23 -5.13 -13.87
N PHE B 68 7.09 -6.25 -13.15
CA PHE B 68 6.08 -7.25 -13.46
C PHE B 68 5.55 -7.84 -12.16
N TYR B 69 4.34 -8.41 -12.22
CA TYR B 69 3.76 -8.99 -11.03
C TYR B 69 2.86 -10.16 -11.43
N VAL B 70 2.51 -10.97 -10.44
CA VAL B 70 1.38 -11.89 -10.53
C VAL B 70 0.56 -11.73 -9.28
N SER B 71 -0.75 -11.97 -9.39
CA SER B 71 -1.60 -12.01 -8.21
C SER B 71 -2.71 -13.00 -8.46
N ASP B 72 -2.88 -13.94 -7.54
CA ASP B 72 -4.07 -14.77 -7.51
C ASP B 72 -4.57 -14.86 -6.07
N THR B 73 -5.51 -15.77 -5.82
CA THR B 73 -6.19 -15.82 -4.54
C THR B 73 -5.25 -16.14 -3.38
N TYR B 74 -4.14 -16.82 -3.66
CA TYR B 74 -3.31 -17.35 -2.60
C TYR B 74 -1.90 -16.78 -2.53
N VAL B 75 -1.48 -15.97 -3.50
CA VAL B 75 -0.13 -15.42 -3.49
C VAL B 75 -0.07 -14.21 -4.40
N CYS B 76 0.83 -13.28 -4.10
CA CYS B 76 1.21 -12.27 -5.08
C CYS B 76 2.72 -12.09 -5.05
N VAL B 77 3.27 -11.68 -6.19
CA VAL B 77 4.71 -11.72 -6.41
C VAL B 77 5.10 -10.50 -7.24
N PHE B 78 6.16 -9.80 -6.84
CA PHE B 78 6.60 -8.57 -7.49
C PHE B 78 8.04 -8.76 -7.96
N PHE B 79 8.22 -8.77 -9.29
CA PHE B 79 9.46 -9.19 -9.94
C PHE B 79 10.34 -8.01 -10.32
N CYS B 80 11.64 -8.14 -10.07
CA CYS B 80 12.64 -7.15 -10.44
C CYS B 80 13.72 -7.84 -11.26
N ASN B 81 13.92 -7.37 -12.48
CA ASN B 81 15.03 -7.84 -13.30
C ASN B 81 16.31 -7.14 -12.91
N HIS B 82 17.37 -7.92 -12.68
CA HIS B 82 18.67 -7.36 -12.33
C HIS B 82 19.73 -8.41 -12.66
N SER B 83 20.95 -7.93 -12.91
CA SER B 83 22.06 -8.82 -13.27
C SER B 83 21.60 -9.72 -14.42
N THR B 84 21.79 -11.03 -14.34
CA THR B 84 21.48 -11.94 -15.43
C THR B 84 20.09 -12.57 -15.30
N GLY B 85 19.34 -12.23 -14.26
CA GLY B 85 18.07 -12.90 -13.97
C GLY B 85 17.07 -11.99 -13.30
N CYS B 86 16.41 -12.53 -12.28
CA CYS B 86 15.29 -11.83 -11.67
C CYS B 86 15.24 -12.21 -10.20
N THR B 87 14.84 -11.25 -9.35
CA THR B 87 14.45 -11.55 -7.98
C THR B 87 13.07 -10.96 -7.71
N ALA B 88 12.25 -11.72 -7.00
CA ALA B 88 10.87 -11.34 -6.72
C ALA B 88 10.63 -11.30 -5.22
N TYR B 89 9.77 -10.37 -4.82
CA TYR B 89 9.31 -10.23 -3.44
C TYR B 89 7.91 -10.83 -3.35
N VAL B 90 7.72 -11.73 -2.38
CA VAL B 90 6.52 -12.57 -2.30
C VAL B 90 5.67 -12.18 -1.10
N TYR B 91 4.35 -12.16 -1.30
CA TYR B 91 3.40 -11.98 -0.21
C TYR B 91 2.31 -13.04 -0.29
N GLY B 92 2.08 -13.74 0.82
CA GLY B 92 0.99 -14.69 0.86
C GLY B 92 -0.37 -13.99 0.90
N ARG B 93 -1.38 -14.66 0.37
CA ARG B 93 -2.75 -14.14 0.40
C ARG B 93 -3.70 -15.25 0.86
N GLY B 94 -4.82 -14.83 1.45
CA GLY B 94 -5.85 -15.79 1.79
C GLY B 94 -5.53 -16.77 2.89
N GLY B 95 -4.44 -16.57 3.62
CA GLY B 95 -4.00 -17.52 4.62
C GLY B 95 -2.83 -18.39 4.18
N TYR B 96 -2.48 -18.36 2.90
CA TYR B 96 -1.40 -19.20 2.41
C TYR B 96 -0.06 -18.48 2.47
N TYR B 97 1.01 -19.27 2.34
CA TYR B 97 2.37 -18.79 2.14
C TYR B 97 2.97 -19.59 0.99
N LEU B 98 4.12 -19.14 0.51
CA LEU B 98 4.76 -19.77 -0.64
C LEU B 98 5.82 -20.79 -0.19
N SER B 99 5.75 -21.99 -0.77
CA SER B 99 6.74 -23.01 -0.48
C SER B 99 8.11 -22.59 -0.99
N MET B 100 9.12 -22.94 -0.22
CA MET B 100 10.52 -22.80 -0.56
C MET B 100 11.18 -24.08 -1.05
N TYR B 101 10.43 -25.16 -1.23
CA TYR B 101 11.05 -26.40 -1.71
C TYR B 101 11.59 -26.23 -3.12
N LYS B 102 12.55 -27.11 -3.46
CA LYS B 102 13.33 -26.95 -4.69
C LYS B 102 12.46 -26.83 -5.94
N GLY B 103 11.43 -27.65 -6.05
CA GLY B 103 10.63 -27.63 -7.26
C GLY B 103 9.41 -26.72 -7.25
N ASP B 104 9.24 -25.89 -6.22
CA ASP B 104 7.93 -25.30 -5.97
C ASP B 104 7.76 -23.86 -6.43
N VAL B 105 8.75 -23.26 -7.11
CA VAL B 105 8.51 -21.89 -7.58
C VAL B 105 9.22 -21.76 -8.93
N LYS B 106 8.49 -21.90 -10.03
CA LYS B 106 9.10 -21.91 -11.36
C LYS B 106 8.73 -20.65 -12.15
N LEU B 107 9.71 -20.06 -12.82
CA LEU B 107 9.49 -18.92 -13.69
C LEU B 107 9.87 -19.33 -15.10
N ASN B 108 8.94 -19.19 -16.06
CA ASN B 108 9.19 -19.65 -17.42
C ASN B 108 9.62 -21.11 -17.42
N SER B 109 9.06 -21.87 -16.48
CA SER B 109 9.31 -23.30 -16.24
C SER B 109 10.69 -23.61 -15.68
N VAL B 110 11.46 -22.60 -15.27
CA VAL B 110 12.80 -22.78 -14.71
C VAL B 110 12.73 -22.75 -13.18
N ASP B 111 13.38 -23.72 -12.54
CA ASP B 111 13.35 -23.79 -11.09
C ASP B 111 14.17 -22.66 -10.46
N HIS B 112 13.71 -22.19 -9.31
CA HIS B 112 14.35 -21.06 -8.65
C HIS B 112 15.73 -21.44 -8.14
N ASN B 113 16.52 -20.41 -7.87
CA ASN B 113 17.78 -20.56 -7.13
C ASN B 113 17.57 -20.12 -5.69
N GLU B 114 18.35 -19.15 -5.21
CA GLU B 114 18.32 -18.83 -3.79
C GLU B 114 16.97 -18.25 -3.39
N ILE B 115 16.50 -18.64 -2.21
CA ILE B 115 15.30 -18.08 -1.59
C ILE B 115 15.67 -17.59 -0.19
N ILE B 116 15.12 -16.44 0.19
CA ILE B 116 15.13 -15.97 1.57
C ILE B 116 13.73 -16.14 2.14
N SER B 117 13.65 -16.62 3.38
CA SER B 117 12.38 -17.07 3.96
C SER B 117 12.18 -16.53 5.37
N MET B 118 10.93 -16.57 5.81
CA MET B 118 10.58 -16.56 7.24
C MET B 118 10.38 -17.98 7.72
N VAL B 119 10.48 -18.19 9.04
CA VAL B 119 10.62 -19.53 9.59
C VAL B 119 9.48 -19.85 10.56
N GLY B 120 8.92 -21.04 10.43
CA GLY B 120 7.88 -21.52 11.31
C GLY B 120 8.39 -22.58 12.26
N SER B 121 7.44 -23.32 12.86
CA SER B 121 7.80 -24.44 13.70
C SER B 121 8.35 -25.57 12.85
N GLY B 122 9.19 -26.42 13.47
CA GLY B 122 9.66 -27.60 12.76
C GLY B 122 10.43 -27.22 11.51
N SER B 123 10.02 -27.80 10.39
CA SER B 123 10.64 -27.53 9.10
C SER B 123 9.88 -26.51 8.26
N ILE B 124 8.91 -25.81 8.86
CA ILE B 124 8.10 -24.86 8.10
C ILE B 124 8.93 -23.63 7.77
N ALA B 125 8.86 -23.19 6.51
CA ALA B 125 9.53 -21.97 6.05
C ALA B 125 8.73 -21.38 4.90
N ALA B 126 8.61 -20.06 4.88
CA ALA B 126 7.77 -19.34 3.92
C ALA B 126 8.66 -18.44 3.06
N ALA B 127 8.63 -18.66 1.74
CA ALA B 127 9.49 -17.89 0.84
C ALA B 127 9.06 -16.44 0.79
N THR B 128 10.01 -15.51 0.97
CA THR B 128 9.72 -14.08 0.88
C THR B 128 10.50 -13.35 -0.22
N MET B 129 11.69 -13.83 -0.58
CA MET B 129 12.39 -13.36 -1.77
C MET B 129 12.80 -14.61 -2.53
N VAL B 130 12.52 -14.63 -3.83
CA VAL B 130 12.83 -15.78 -4.68
C VAL B 130 13.60 -15.28 -5.89
N SER B 131 14.71 -15.93 -6.20
CA SER B 131 15.56 -15.52 -7.32
C SER B 131 15.72 -16.62 -8.35
N TRP B 132 15.93 -16.18 -9.60
CA TRP B 132 16.30 -17.04 -10.72
C TRP B 132 17.53 -16.42 -11.36
N LYS B 133 18.66 -17.13 -11.34
CA LYS B 133 19.92 -16.50 -11.72
C LYS B 133 19.98 -16.09 -13.19
N SER B 134 19.26 -16.80 -14.06
CA SER B 134 19.44 -16.60 -15.50
C SER B 134 18.12 -16.48 -16.26
N THR B 135 17.01 -16.25 -15.56
CA THR B 135 15.70 -16.14 -16.18
C THR B 135 15.11 -14.77 -15.87
N LYS B 136 14.58 -14.11 -16.88
CA LYS B 136 14.02 -12.78 -16.73
C LYS B 136 12.51 -12.81 -16.61
N ALA B 137 11.98 -11.85 -15.85
CA ALA B 137 10.55 -11.59 -15.83
C ALA B 137 10.15 -10.79 -17.07
N ALA B 138 9.02 -11.16 -17.66
CA ALA B 138 8.49 -10.49 -18.84
C ALA B 138 7.00 -10.80 -18.92
N ALA B 139 6.26 -9.95 -19.62
CA ALA B 139 4.82 -10.15 -19.71
C ALA B 139 4.53 -11.45 -20.45
N GLY B 140 3.55 -12.20 -19.92
CA GLY B 140 3.10 -13.44 -20.53
C GLY B 140 3.87 -14.68 -20.13
N ILE B 141 5.00 -14.52 -19.44
CA ILE B 141 5.80 -15.65 -18.95
C ILE B 141 5.03 -16.37 -17.86
N SER B 142 5.15 -17.69 -17.81
CA SER B 142 4.45 -18.47 -16.80
C SER B 142 5.12 -18.36 -15.43
N PHE B 143 4.29 -18.43 -14.39
CA PHE B 143 4.73 -18.56 -13.00
C PHE B 143 3.96 -19.71 -12.39
N LYS B 144 4.66 -20.75 -11.95
CA LYS B 144 4.05 -21.95 -11.41
C LYS B 144 4.57 -22.12 -9.98
N TYR B 145 3.66 -22.30 -9.03
CA TYR B 145 4.05 -22.27 -7.63
C TYR B 145 3.21 -23.27 -6.84
N LEU B 146 3.72 -23.62 -5.67
CA LEU B 146 3.01 -24.41 -4.68
C LEU B 146 2.87 -23.56 -3.42
N GLY B 147 1.63 -23.29 -3.02
CA GLY B 147 1.36 -22.62 -1.77
C GLY B 147 0.98 -23.61 -0.68
N LYS B 148 1.24 -23.24 0.57
CA LYS B 148 0.91 -24.08 1.71
C LYS B 148 0.20 -23.24 2.76
N ASN B 149 -0.35 -23.89 3.78
CA ASN B 149 -1.02 -23.17 4.85
C ASN B 149 -0.75 -23.84 6.18
N LEU B 150 -1.12 -23.14 7.26
CA LEU B 150 -0.81 -23.58 8.62
C LEU B 150 -1.94 -24.34 9.29
N ILE B 151 -3.09 -24.52 8.66
CA ILE B 151 -4.22 -25.23 9.26
C ILE B 151 -4.28 -26.68 8.78
N THR B 152 -4.20 -26.87 7.46
CA THR B 152 -4.27 -28.19 6.83
C THR B 152 -2.98 -28.46 6.09
N SER B 153 -2.85 -29.70 5.61
CA SER B 153 -1.73 -30.11 4.77
C SER B 153 -1.95 -29.80 3.30
N THR B 154 -3.08 -29.21 2.95
CA THR B 154 -3.39 -28.89 1.57
C THR B 154 -2.33 -27.98 0.95
N SER B 155 -1.85 -28.39 -0.21
CA SER B 155 -0.96 -27.58 -1.05
C SER B 155 -1.80 -27.02 -2.19
N HIS B 156 -1.60 -25.75 -2.48
CA HIS B 156 -2.29 -25.12 -3.58
C HIS B 156 -1.34 -24.99 -4.77
N SER B 157 -1.66 -25.64 -5.86
CA SER B 157 -0.80 -25.63 -7.03
C SER B 157 -1.40 -24.68 -8.06
N GLY B 158 -0.72 -23.56 -8.30
CA GLY B 158 -1.21 -22.55 -9.21
C GLY B 158 -0.28 -22.36 -10.39
N SER B 159 -0.86 -22.02 -11.53
CA SER B 159 -0.12 -21.65 -12.73
C SER B 159 -0.76 -20.39 -13.28
N VAL B 160 0.00 -19.28 -13.28
CA VAL B 160 -0.49 -17.99 -13.73
C VAL B 160 0.56 -17.39 -14.66
N THR B 161 0.29 -16.19 -15.16
CA THR B 161 1.20 -15.53 -16.07
C THR B 161 1.50 -14.10 -15.62
N LEU B 162 2.72 -13.67 -15.90
CA LEU B 162 3.18 -12.36 -15.46
C LEU B 162 2.47 -11.25 -16.23
N VAL B 163 2.25 -10.14 -15.53
CA VAL B 163 1.58 -8.95 -16.04
C VAL B 163 2.53 -7.78 -15.80
N ALA B 164 2.59 -6.85 -16.75
CA ALA B 164 3.42 -5.66 -16.53
C ALA B 164 2.86 -4.82 -15.40
N ALA B 165 3.77 -4.17 -14.66
CA ALA B 165 3.34 -3.31 -13.55
C ALA B 165 2.43 -2.21 -14.08
N PRO B 166 1.38 -1.82 -13.33
CA PRO B 166 0.40 -0.81 -13.74
C PRO B 166 1.04 0.53 -14.06
N GLU C 5 -32.48 32.27 -13.92
CA GLU C 5 -31.58 32.54 -12.80
C GLU C 5 -30.44 31.53 -12.75
N ALA C 6 -29.21 31.99 -12.53
CA ALA C 6 -28.10 31.07 -12.29
C ALA C 6 -28.13 30.63 -10.84
N SER C 7 -28.08 29.32 -10.61
CA SER C 7 -28.26 28.75 -9.29
C SER C 7 -27.08 27.88 -8.87
N LYS C 8 -27.35 26.76 -8.20
CA LYS C 8 -26.28 25.99 -7.53
C LYS C 8 -25.21 25.52 -8.50
N GLY C 9 -23.94 25.65 -8.08
CA GLY C 9 -22.80 25.31 -8.89
C GLY C 9 -22.25 26.47 -9.68
N LEU C 10 -23.06 27.51 -9.86
CA LEU C 10 -22.70 28.68 -10.65
C LEU C 10 -22.58 29.90 -9.77
N GLN C 11 -21.85 30.89 -10.28
CA GLN C 11 -21.75 32.18 -9.61
C GLN C 11 -21.78 33.27 -10.65
N VAL C 12 -22.16 34.46 -10.21
CA VAL C 12 -22.40 35.59 -11.10
C VAL C 12 -21.54 36.75 -10.64
N THR C 13 -20.84 37.37 -11.58
CA THR C 13 -20.13 38.62 -11.35
C THR C 13 -20.57 39.60 -12.44
N ALA C 14 -20.00 40.81 -12.38
CA ALA C 14 -20.27 41.79 -13.42
C ALA C 14 -19.82 41.31 -14.79
N SER C 15 -18.93 40.31 -14.83
CA SER C 15 -18.44 39.75 -16.08
C SER C 15 -19.29 38.58 -16.60
N GLY C 16 -20.26 38.10 -15.83
CA GLY C 16 -21.12 37.06 -16.35
C GLY C 16 -21.20 35.89 -15.38
N VAL C 17 -21.66 34.75 -15.91
CA VAL C 17 -21.91 33.56 -15.12
C VAL C 17 -20.74 32.60 -15.28
N SER C 18 -20.27 32.04 -14.18
CA SER C 18 -19.16 31.11 -14.20
C SER C 18 -19.50 29.93 -13.30
N VAL C 19 -18.69 28.89 -13.39
CA VAL C 19 -18.76 27.78 -12.43
C VAL C 19 -18.01 28.19 -11.18
N GLN C 20 -18.62 27.98 -10.02
CA GLN C 20 -17.98 28.26 -8.75
C GLN C 20 -17.21 27.01 -8.29
N ALA C 21 -15.92 27.20 -7.99
CA ALA C 21 -15.08 26.09 -7.57
C ALA C 21 -15.26 25.84 -6.08
N GLY C 22 -15.74 24.64 -5.74
CA GLY C 22 -15.73 24.15 -4.37
C GLY C 22 -14.55 23.22 -4.11
N ASP C 23 -14.62 22.50 -3.00
CA ASP C 23 -13.46 21.71 -2.61
C ASP C 23 -13.13 20.65 -3.65
N GLY C 24 -11.84 20.53 -3.97
CA GLY C 24 -11.37 19.55 -4.94
C GLY C 24 -11.51 19.95 -6.38
N ILE C 25 -11.92 21.20 -6.65
CA ILE C 25 -12.21 21.66 -8.01
C ILE C 25 -11.49 23.00 -8.25
N SER C 26 -10.96 23.16 -9.46
CA SER C 26 -10.41 24.44 -9.93
C SER C 26 -11.16 24.86 -11.18
N VAL C 27 -11.40 26.16 -11.34
CA VAL C 27 -12.12 26.69 -12.49
C VAL C 27 -11.26 27.79 -13.12
N ALA C 28 -11.04 27.68 -14.42
CA ALA C 28 -10.32 28.67 -15.19
C ALA C 28 -11.07 28.87 -16.51
N GLY C 29 -10.58 29.80 -17.33
CA GLY C 29 -11.13 29.96 -18.67
C GLY C 29 -11.02 28.70 -19.53
N THR C 30 -10.15 27.78 -19.15
CA THR C 30 -9.98 26.51 -19.85
C THR C 30 -10.90 25.40 -19.34
N GLY C 31 -11.68 25.65 -18.29
CA GLY C 31 -12.73 24.73 -17.88
C GLY C 31 -12.60 24.27 -16.45
N VAL C 32 -13.42 23.28 -16.11
CA VAL C 32 -13.53 22.76 -14.74
C VAL C 32 -12.59 21.58 -14.60
N ALA C 33 -11.72 21.62 -13.58
CA ALA C 33 -10.72 20.58 -13.39
C ALA C 33 -10.69 20.12 -11.93
N VAL C 34 -10.17 18.91 -11.71
CA VAL C 34 -9.96 18.42 -10.35
C VAL C 34 -8.67 19.02 -9.79
N LYS C 35 -8.72 19.41 -8.53
CA LYS C 35 -7.56 19.91 -7.79
C LYS C 35 -7.13 18.82 -6.80
N VAL C 36 -5.87 18.41 -6.86
CA VAL C 36 -5.33 17.43 -5.93
C VAL C 36 -4.38 18.12 -4.95
N GLU C 37 -4.35 17.63 -3.72
CA GLU C 37 -3.47 18.21 -2.71
C GLU C 37 -2.09 17.60 -2.84
N ALA C 38 -1.07 18.47 -2.78
CA ALA C 38 0.29 18.14 -3.22
C ALA C 38 0.79 16.79 -2.67
N SER C 39 0.90 16.69 -1.36
CA SER C 39 1.62 15.59 -0.72
C SER C 39 0.76 14.38 -0.40
N LYS C 40 -0.43 14.27 -1.01
CA LYS C 40 -1.41 13.29 -0.59
C LYS C 40 -1.61 12.17 -1.59
N GLY C 41 -0.70 12.02 -2.56
CA GLY C 41 -0.62 10.79 -3.32
C GLY C 41 -1.35 10.75 -4.64
N LEU C 42 -2.03 11.81 -5.04
CA LEU C 42 -2.82 11.77 -6.26
C LEU C 42 -2.21 12.70 -7.31
N GLN C 43 -2.64 12.50 -8.55
CA GLN C 43 -2.25 13.35 -9.67
C GLN C 43 -3.48 13.52 -10.55
N VAL C 44 -3.44 14.55 -11.39
CA VAL C 44 -4.48 14.77 -12.38
C VAL C 44 -3.81 15.14 -13.70
N THR C 45 -4.14 14.41 -14.76
CA THR C 45 -3.65 14.68 -16.10
C THR C 45 -4.84 14.80 -17.02
N SER C 46 -4.57 15.17 -18.27
CA SER C 46 -5.64 15.14 -19.27
C SER C 46 -6.27 13.77 -19.38
N ASN C 47 -5.57 12.71 -18.96
CA ASN C 47 -6.13 11.36 -18.91
C ASN C 47 -6.98 11.09 -17.66
N GLY C 48 -6.96 11.98 -16.66
CA GLY C 48 -7.86 11.80 -15.53
C GLY C 48 -7.11 11.79 -14.21
N VAL C 49 -7.86 11.52 -13.13
CA VAL C 49 -7.31 11.48 -11.77
C VAL C 49 -6.75 10.09 -11.50
N GLY C 50 -5.64 10.02 -10.76
CA GLY C 50 -5.06 8.73 -10.43
C GLY C 50 -4.08 8.86 -9.29
N LEU C 51 -3.63 7.71 -8.79
CA LEU C 51 -2.51 7.72 -7.85
C LEU C 51 -1.26 8.15 -8.60
N ASN C 52 -0.39 8.90 -7.91
CA ASN C 52 0.91 9.24 -8.48
C ASN C 52 1.92 8.13 -8.16
N ASN C 53 3.16 8.31 -8.61
CA ASN C 53 4.15 7.24 -8.53
C ASN C 53 4.81 7.13 -7.17
N THR C 54 4.53 8.05 -6.25
CA THR C 54 5.10 7.99 -4.91
C THR C 54 4.05 7.84 -3.82
N ALA C 55 2.78 7.62 -4.18
CA ALA C 55 1.76 7.38 -3.18
C ALA C 55 2.12 6.22 -2.26
N TRP C 56 2.89 5.23 -2.75
CA TRP C 56 3.24 4.09 -1.92
C TRP C 56 4.04 4.50 -0.69
N ILE C 57 4.79 5.59 -0.76
CA ILE C 57 5.55 6.06 0.40
C ILE C 57 4.59 6.44 1.53
N LYS C 58 3.55 7.21 1.23
CA LYS C 58 2.56 7.57 2.25
C LYS C 58 1.93 6.32 2.85
N MET C 59 1.68 5.30 2.01
CA MET C 59 1.04 4.08 2.47
C MET C 59 1.94 3.35 3.47
N MET C 60 3.23 3.22 3.14
CA MET C 60 4.16 2.50 4.02
C MET C 60 4.44 3.28 5.30
N CYS C 61 4.52 4.61 5.23
CA CYS C 61 4.64 5.39 6.45
C CYS C 61 3.45 5.18 7.34
N GLY C 62 2.25 5.13 6.76
CA GLY C 62 1.07 4.83 7.53
C GLY C 62 1.10 3.44 8.13
N LEU C 63 1.52 2.45 7.34
CA LEU C 63 1.58 1.07 7.81
C LEU C 63 2.32 0.95 9.12
N HIS C 64 3.50 1.57 9.21
CA HIS C 64 4.34 1.44 10.39
C HIS C 64 4.22 2.60 11.36
N ASN C 65 3.39 3.60 11.04
CA ASN C 65 3.33 4.83 11.82
C ASN C 65 4.71 5.48 11.90
N ALA C 66 5.43 5.47 10.78
CA ALA C 66 6.77 6.02 10.68
C ALA C 66 6.70 7.52 10.42
N THR C 67 7.66 8.27 10.99
CA THR C 67 7.70 9.71 10.80
C THR C 67 8.79 10.17 9.85
N PHE C 68 9.71 9.29 9.48
CA PHE C 68 10.77 9.58 8.54
C PHE C 68 11.02 8.34 7.71
N TYR C 69 11.60 8.53 6.53
CA TYR C 69 11.89 7.43 5.64
C TYR C 69 13.07 7.77 4.74
N VAL C 70 13.62 6.74 4.10
CA VAL C 70 14.52 6.90 2.96
C VAL C 70 14.03 5.97 1.86
N SER C 71 14.38 6.33 0.61
CA SER C 71 14.14 5.44 -0.52
C SER C 71 15.17 5.74 -1.61
N ASP C 72 15.83 4.68 -2.08
CA ASP C 72 16.68 4.79 -3.25
C ASP C 72 16.47 3.54 -4.10
N THR C 73 17.34 3.33 -5.09
CA THR C 73 17.10 2.20 -5.98
C THR C 73 17.30 0.84 -5.32
N TYR C 74 17.94 0.77 -4.16
CA TYR C 74 18.28 -0.51 -3.53
C TYR C 74 17.40 -0.86 -2.35
N VAL C 75 16.76 0.13 -1.72
CA VAL C 75 16.14 -0.10 -0.42
C VAL C 75 15.21 1.06 -0.08
N CYS C 76 14.20 0.79 0.73
CA CYS C 76 13.50 1.86 1.44
C CYS C 76 13.33 1.44 2.89
N VAL C 77 13.26 2.43 3.77
CA VAL C 77 13.30 2.21 5.20
C VAL C 77 12.36 3.21 5.86
N PHE C 78 11.59 2.73 6.84
CA PHE C 78 10.58 3.55 7.52
C PHE C 78 10.89 3.58 9.00
N PHE C 79 11.15 4.79 9.53
CA PHE C 79 11.70 4.97 10.86
C PHE C 79 10.63 5.42 11.85
N CYS C 80 10.64 4.80 13.04
CA CYS C 80 9.79 5.17 14.16
C CYS C 80 10.67 5.55 15.35
N ASN C 81 10.49 6.77 15.86
CA ASN C 81 11.17 7.16 17.08
C ASN C 81 10.42 6.66 18.30
N HIS C 82 11.15 6.06 19.25
CA HIS C 82 10.54 5.59 20.49
C HIS C 82 11.63 5.47 21.53
N SER C 83 11.26 5.62 22.81
CA SER C 83 12.23 5.56 23.91
C SER C 83 13.38 6.52 23.58
N THR C 84 14.63 6.14 23.78
CA THR C 84 15.77 7.01 23.57
C THR C 84 16.31 6.95 22.14
N GLY C 85 15.73 6.12 21.27
CA GLY C 85 16.25 5.97 19.92
C GLY C 85 15.19 5.77 18.87
N CYS C 86 15.41 4.80 17.98
CA CYS C 86 14.47 4.58 16.91
C CYS C 86 14.64 3.16 16.35
N THR C 87 13.60 2.70 15.69
CA THR C 87 13.60 1.41 15.01
C THR C 87 13.03 1.61 13.63
N ALA C 88 13.60 0.90 12.67
CA ALA C 88 13.24 1.05 11.26
C ALA C 88 12.78 -0.28 10.70
N TYR C 89 11.82 -0.20 9.78
CA TYR C 89 11.31 -1.35 9.03
C TYR C 89 11.84 -1.24 7.60
N VAL C 90 12.48 -2.32 7.12
CA VAL C 90 13.30 -2.29 5.90
C VAL C 90 12.62 -3.09 4.81
N TYR C 91 12.63 -2.55 3.60
CA TYR C 91 12.13 -3.24 2.40
C TYR C 91 13.16 -3.13 1.29
N GLY C 92 13.54 -4.28 0.72
CA GLY C 92 14.44 -4.26 -0.43
C GLY C 92 13.75 -3.73 -1.67
N ARG C 93 14.54 -3.14 -2.57
CA ARG C 93 14.04 -2.70 -3.86
C ARG C 93 14.94 -3.19 -4.99
N GLY C 94 14.34 -3.36 -6.17
CA GLY C 94 15.13 -3.65 -7.34
C GLY C 94 15.77 -5.02 -7.36
N GLY C 95 15.34 -5.92 -6.47
CA GLY C 95 15.98 -7.20 -6.32
C GLY C 95 16.97 -7.28 -5.18
N TYR C 96 17.30 -6.15 -4.57
CA TYR C 96 18.33 -6.12 -3.52
C TYR C 96 17.71 -6.34 -2.15
N TYR C 97 18.58 -6.61 -1.17
CA TYR C 97 18.21 -6.67 0.24
C TYR C 97 19.35 -6.05 1.03
N LEU C 98 19.09 -5.77 2.32
CA LEU C 98 20.15 -5.17 3.14
C LEU C 98 20.91 -6.21 3.94
N SER C 99 22.24 -6.14 3.86
CA SER C 99 23.10 -6.85 4.78
C SER C 99 22.73 -6.52 6.21
N MET C 100 22.78 -7.53 7.06
CA MET C 100 22.52 -7.41 8.48
C MET C 100 23.76 -7.48 9.37
N TYR C 101 24.95 -7.43 8.78
CA TYR C 101 26.21 -7.55 9.51
C TYR C 101 26.45 -6.33 10.41
N LYS C 102 27.31 -6.53 11.42
CA LYS C 102 27.46 -5.59 12.54
C LYS C 102 27.74 -4.15 12.10
N GLY C 103 28.60 -3.95 11.11
CA GLY C 103 28.96 -2.61 10.70
C GLY C 103 28.26 -2.10 9.44
N ASP C 104 27.22 -2.78 8.97
CA ASP C 104 26.68 -2.52 7.65
C ASP C 104 25.41 -1.67 7.63
N VAL C 105 24.94 -1.17 8.77
CA VAL C 105 23.74 -0.33 8.78
C VAL C 105 23.99 0.79 9.77
N LYS C 106 24.17 2.02 9.28
CA LYS C 106 24.43 3.16 10.16
C LYS C 106 23.37 4.24 9.99
N LEU C 107 23.02 4.89 11.10
CA LEU C 107 22.15 6.05 11.10
C LEU C 107 22.94 7.20 11.71
N ASN C 108 23.14 8.28 10.95
CA ASN C 108 23.97 9.40 11.41
C ASN C 108 25.36 8.92 11.78
N SER C 109 25.87 7.95 11.03
CA SER C 109 27.17 7.31 11.21
C SER C 109 27.28 6.47 12.48
N VAL C 110 26.14 6.15 13.12
CA VAL C 110 26.11 5.31 14.33
C VAL C 110 25.68 3.91 13.94
N ASP C 111 26.42 2.89 14.37
CA ASP C 111 26.06 1.51 14.09
C ASP C 111 24.81 1.11 14.87
N HIS C 112 24.01 0.23 14.26
CA HIS C 112 22.81 -0.26 14.92
C HIS C 112 23.15 -1.14 16.11
N ASN C 113 22.15 -1.32 16.99
CA ASN C 113 22.23 -2.20 18.15
C ASN C 113 21.62 -3.58 17.95
N GLU C 114 20.44 -3.66 17.34
CA GLU C 114 19.75 -4.93 17.13
C GLU C 114 19.16 -4.96 15.72
N ILE C 115 19.11 -6.16 15.15
CA ILE C 115 18.48 -6.41 13.85
C ILE C 115 17.66 -7.69 13.90
N ILE C 116 16.51 -7.67 13.22
CA ILE C 116 15.71 -8.85 12.95
C ILE C 116 15.76 -9.06 11.44
N SER C 117 15.81 -10.33 11.02
CA SER C 117 16.06 -10.64 9.62
C SER C 117 15.18 -11.79 9.12
N MET C 118 15.10 -11.90 7.79
CA MET C 118 14.67 -13.12 7.12
C MET C 118 15.93 -13.84 6.68
N VAL C 119 15.83 -15.16 6.50
CA VAL C 119 17.02 -15.99 6.42
C VAL C 119 17.04 -16.80 5.13
N GLY C 120 18.22 -16.85 4.49
CA GLY C 120 18.47 -17.70 3.37
C GLY C 120 19.42 -18.84 3.72
N SER C 121 19.99 -19.43 2.68
CA SER C 121 20.93 -20.52 2.89
C SER C 121 22.24 -19.99 3.45
N GLY C 122 22.91 -20.83 4.23
CA GLY C 122 24.21 -20.45 4.77
C GLY C 122 24.12 -19.17 5.57
N SER C 123 24.92 -18.17 5.21
CA SER C 123 24.97 -16.92 5.93
C SER C 123 24.06 -15.85 5.35
N ILE C 124 23.31 -16.17 4.29
CA ILE C 124 22.44 -15.17 3.67
C ILE C 124 21.35 -14.77 4.64
N ALA C 125 21.18 -13.47 4.82
CA ALA C 125 20.16 -12.95 5.71
C ALA C 125 19.86 -11.53 5.29
N ALA C 126 18.58 -11.17 5.31
CA ALA C 126 18.13 -9.85 4.86
C ALA C 126 17.53 -9.12 6.06
N ALA C 127 18.05 -7.94 6.35
CA ALA C 127 17.55 -7.16 7.47
C ALA C 127 16.12 -6.71 7.21
N THR C 128 15.26 -6.87 8.21
CA THR C 128 13.88 -6.40 8.11
C THR C 128 13.49 -5.41 9.20
N MET C 129 14.10 -5.47 10.37
CA MET C 129 13.95 -4.42 11.36
C MET C 129 15.33 -4.09 11.91
N VAL C 130 15.64 -2.81 12.06
CA VAL C 130 16.94 -2.36 12.56
C VAL C 130 16.71 -1.29 13.62
N SER C 131 17.45 -1.38 14.73
CA SER C 131 17.21 -0.47 15.85
C SER C 131 18.50 0.18 16.31
N TRP C 132 18.36 1.41 16.80
CA TRP C 132 19.43 2.19 17.42
C TRP C 132 18.95 2.64 18.78
N LYS C 133 19.67 2.25 19.84
CA LYS C 133 19.17 2.51 21.18
C LYS C 133 19.14 4.00 21.52
N SER C 134 20.01 4.82 20.92
CA SER C 134 20.13 6.20 21.36
C SER C 134 20.42 7.17 20.21
N THR C 135 19.92 6.86 19.02
CA THR C 135 20.00 7.74 17.86
C THR C 135 18.58 7.93 17.35
N LYS C 136 18.17 9.19 17.16
CA LYS C 136 16.81 9.49 16.76
C LYS C 136 16.79 9.68 15.25
N ALA C 137 15.70 9.26 14.62
CA ALA C 137 15.50 9.60 13.21
C ALA C 137 15.08 11.05 13.12
N ALA C 138 15.62 11.74 12.12
CA ALA C 138 15.24 13.12 11.83
C ALA C 138 15.57 13.40 10.38
N ALA C 139 14.88 14.38 9.79
CA ALA C 139 15.17 14.73 8.41
C ALA C 139 16.57 15.31 8.31
N GLY C 140 17.27 14.96 7.23
CA GLY C 140 18.57 15.56 6.95
C GLY C 140 19.78 14.79 7.43
N ILE C 141 19.60 13.68 8.12
CA ILE C 141 20.73 12.84 8.53
C ILE C 141 20.85 11.66 7.59
N SER C 142 22.00 11.01 7.63
CA SER C 142 22.34 9.99 6.64
C SER C 142 21.99 8.59 7.14
N PHE C 143 21.59 7.74 6.20
CA PHE C 143 21.40 6.32 6.42
C PHE C 143 22.37 5.63 5.47
N LYS C 144 23.27 4.83 6.01
CA LYS C 144 24.29 4.16 5.20
C LYS C 144 24.10 2.66 5.33
N TYR C 145 24.24 1.97 4.21
CA TYR C 145 23.89 0.56 4.19
C TYR C 145 24.72 -0.15 3.13
N LEU C 146 24.69 -1.48 3.20
CA LEU C 146 25.32 -2.33 2.20
C LEU C 146 24.22 -3.17 1.56
N GLY C 147 23.94 -2.89 0.28
CA GLY C 147 22.94 -3.65 -0.44
C GLY C 147 23.58 -4.87 -1.08
N LYS C 148 22.88 -5.99 -1.03
CA LYS C 148 23.37 -7.15 -1.74
C LYS C 148 22.21 -7.85 -2.44
N ASN C 149 22.54 -8.92 -3.15
CA ASN C 149 21.55 -9.58 -4.00
C ASN C 149 21.86 -11.07 -4.04
N LEU C 150 20.89 -11.84 -4.53
CA LEU C 150 20.96 -13.30 -4.49
C LEU C 150 21.59 -13.90 -5.74
N ILE C 151 21.79 -13.10 -6.78
CA ILE C 151 22.34 -13.63 -8.03
C ILE C 151 23.86 -13.54 -8.04
N THR C 152 24.41 -12.38 -7.75
CA THR C 152 25.85 -12.16 -7.73
C THR C 152 26.30 -11.81 -6.33
N SER C 153 27.62 -11.83 -6.13
CA SER C 153 28.18 -11.46 -4.84
C SER C 153 28.49 -9.97 -4.73
N THR C 154 28.16 -9.19 -5.76
CA THR C 154 28.42 -7.75 -5.74
C THR C 154 27.62 -7.10 -4.60
N SER C 155 28.25 -6.13 -3.94
CA SER C 155 27.58 -5.33 -2.93
C SER C 155 27.58 -3.86 -3.37
N HIS C 156 26.59 -3.11 -2.87
CA HIS C 156 26.53 -1.68 -3.11
C HIS C 156 26.57 -0.96 -1.77
N SER C 157 27.60 -0.15 -1.56
CA SER C 157 27.69 0.68 -0.38
C SER C 157 26.90 1.95 -0.66
N GLY C 158 25.78 2.13 0.05
CA GLY C 158 24.89 3.23 -0.25
C GLY C 158 24.76 4.25 0.87
N SER C 159 24.35 5.45 0.51
CA SER C 159 24.11 6.51 1.50
C SER C 159 22.93 7.34 1.01
N VAL C 160 21.91 7.49 1.85
CA VAL C 160 20.68 8.18 1.48
C VAL C 160 20.22 8.97 2.71
N THR C 161 19.59 10.12 2.45
CA THR C 161 19.25 11.08 3.49
C THR C 161 17.79 10.95 3.89
N LEU C 162 17.54 10.99 5.21
CA LEU C 162 16.19 10.85 5.74
C LEU C 162 15.30 12.03 5.34
N VAL C 163 14.03 11.73 5.09
CA VAL C 163 13.01 12.69 4.68
C VAL C 163 11.81 12.53 5.61
N ALA C 164 11.16 13.64 5.95
CA ALA C 164 9.96 13.57 6.76
C ALA C 164 8.85 12.82 6.01
N ALA C 165 8.11 12.00 6.75
CA ALA C 165 6.98 11.29 6.16
C ALA C 165 6.02 12.30 5.54
N PRO C 166 5.41 11.99 4.39
CA PRO C 166 4.54 12.94 3.69
C PRO C 166 3.26 13.23 4.45
N NH4 D . 0.21 0.16 0.12
C1 GOL E . -11.65 5.03 5.00
O1 GOL E . -11.77 5.84 3.88
C2 GOL E . -10.51 4.08 4.68
O2 GOL E . -9.29 4.77 4.54
C3 GOL E . -10.50 3.07 5.86
O3 GOL E . -9.48 2.17 5.64
C1 CIT F . -8.12 -26.82 2.88
O1 CIT F . -7.14 -26.27 3.44
O2 CIT F . -8.03 -28.02 2.48
C2 CIT F . -9.41 -26.05 2.68
C3 CIT F . -10.59 -27.01 2.56
O7 CIT F . -10.35 -27.89 1.44
C4 CIT F . -11.93 -26.28 2.36
C5 CIT F . -11.95 -25.61 1.01
O3 CIT F . -11.62 -24.42 0.88
O4 CIT F . -12.30 -26.26 -0.01
C6 CIT F . -10.67 -27.82 3.84
O5 CIT F . -10.68 -27.23 4.95
O6 CIT F . -10.74 -29.06 3.79
C1 GOL G . -5.80 -0.30 -11.72
O1 GOL G . -6.35 0.98 -11.75
C2 GOL G . -4.91 -0.35 -10.49
O2 GOL G . -5.67 -0.49 -9.35
C3 GOL G . -3.95 -1.55 -10.72
O3 GOL G . -3.07 -1.54 -9.63
C1 GOL H . 3.07 11.07 -1.01
O1 GOL H . 3.99 10.04 -0.74
C2 GOL H . 3.32 11.44 -2.47
O2 GOL H . 2.59 10.64 -3.33
C3 GOL H . 3.00 12.94 -2.61
O3 GOL H . 1.76 13.06 -3.23
#